data_8P5Q
#
_entry.id   8P5Q
#
_cell.length_a   79.798
_cell.length_b   79.798
_cell.length_c   127.012
_cell.angle_alpha   90.00
_cell.angle_beta   90.00
_cell.angle_gamma   90.00
#
_symmetry.space_group_name_H-M   'P 43 2 2'
#
loop_
_entity.id
_entity.type
_entity.pdbx_description
1 polymer 'Protein LIGHT-DEPENDENT SHORT HYPOCOTYLS 3'
2 polymer "DNA (5'-D(*AP*CP*GP*TP*CP*AP*AP*CP*AP*GP*TP*AP*AP*AP*CP*TP*A)-3')"
3 polymer "DNA (5'-D(*TP*AP*GP*TP*TP*TP*AP*CP*TP*GP*TP*TP*GP*AP*CP*GP*T)-3')"
4 non-polymer 'ZINC ION'
5 non-polymer 'SULFATE ION'
6 water water
#
loop_
_entity_poly.entity_id
_entity_poly.type
_entity_poly.pdbx_seq_one_letter_code
_entity_poly.pdbx_strand_id
1 'polypeptide(L)'
;SSRYENQKRRDWNTFGQYLRNHRPPLSLSRCSGAHVLEFLRYLDQFGKTKVHTNICHFYGHPNPPAPCPCPLRQAWGSLD
ALIGRLRAAFEENGGKPETNPFGARAVRLYLREVRDMQSKARGVSYEKK
;
A
2 'polydeoxyribonucleotide' (DA)(DC)(DG)(DT)(DC)(DA)(DA)(DC)(DA)(DG)(DT)(DA)(DA)(DA)(DC)(DT)(DA) B
3 'polydeoxyribonucleotide' (DT)(DA)(DG)(DT)(DT)(DT)(DA)(DC)(DT)(DG)(DT)(DT)(DG)(DA)(DC)(DG)(DT) C
#
loop_
_chem_comp.id
_chem_comp.type
_chem_comp.name
_chem_comp.formula
DA DNA linking 2'-DEOXYADENOSINE-5'-MONOPHOSPHATE 'C10 H14 N5 O6 P'
DC DNA linking 2'-DEOXYCYTIDINE-5'-MONOPHOSPHATE 'C9 H14 N3 O7 P'
DG DNA linking 2'-DEOXYGUANOSINE-5'-MONOPHOSPHATE 'C10 H14 N5 O7 P'
DT DNA linking THYMIDINE-5'-MONOPHOSPHATE 'C10 H15 N2 O8 P'
SO4 non-polymer 'SULFATE ION' 'O4 S -2'
ZN non-polymer 'ZINC ION' 'Zn 2'
#
# COMPACT_ATOMS: atom_id res chain seq x y z
N SER A 1 14.64 7.36 12.89
CA SER A 1 13.82 8.55 13.11
C SER A 1 14.03 9.56 11.99
N SER A 2 15.26 10.07 11.87
CA SER A 2 15.56 11.02 10.80
C SER A 2 15.38 10.38 9.43
N ARG A 3 15.83 9.13 9.28
CA ARG A 3 15.58 8.41 8.04
C ARG A 3 14.09 8.11 7.88
N TYR A 4 13.41 7.82 8.99
CA TYR A 4 11.97 7.57 8.91
C TYR A 4 11.22 8.83 8.52
N GLU A 5 11.57 9.98 9.10
CA GLU A 5 10.87 11.21 8.78
C GLU A 5 11.09 11.62 7.33
N ASN A 6 12.34 11.52 6.83
CA ASN A 6 12.58 11.81 5.43
C ASN A 6 11.84 10.84 4.52
N GLN A 7 11.77 9.57 4.93
CA GLN A 7 10.94 8.61 4.21
C GLN A 7 9.49 9.05 4.20
N LYS A 8 8.98 9.48 5.36
CA LYS A 8 7.60 9.96 5.43
C LYS A 8 7.40 11.20 4.56
N ARG A 9 8.33 12.15 4.64
CA ARG A 9 8.21 13.36 3.82
CA ARG A 9 8.21 13.36 3.82
C ARG A 9 8.23 13.03 2.34
N ARG A 10 9.10 12.09 1.93
CA ARG A 10 9.15 11.69 0.52
C ARG A 10 7.85 11.05 0.08
N ASP A 11 7.26 10.20 0.93
CA ASP A 11 5.97 9.59 0.59
C ASP A 11 4.87 10.63 0.47
N TRP A 12 4.92 11.67 1.31
CA TRP A 12 3.90 12.72 1.24
C TRP A 12 4.03 13.50 -0.07
N ASN A 13 5.26 13.81 -0.47
CA ASN A 13 5.45 14.50 -1.75
C ASN A 13 5.16 13.59 -2.93
N THR A 14 5.48 12.31 -2.82
CA THR A 14 5.11 11.35 -3.85
C THR A 14 3.61 11.26 -4.00
N PHE A 15 2.88 11.23 -2.89
CA PHE A 15 1.42 11.24 -2.95
C PHE A 15 0.90 12.56 -3.52
N GLY A 16 1.63 13.65 -3.30
CA GLY A 16 1.23 14.93 -3.88
C GLY A 16 1.36 14.94 -5.39
N GLN A 17 2.51 14.49 -5.89
CA GLN A 17 2.70 14.39 -7.33
C GLN A 17 1.71 13.41 -7.96
N TYR A 18 1.32 12.37 -7.21
CA TYR A 18 0.32 11.43 -7.72
C TYR A 18 -1.00 12.13 -7.99
N LEU A 19 -1.45 12.97 -7.06
CA LEU A 19 -2.71 13.69 -7.25
C LEU A 19 -2.62 14.65 -8.43
N ARG A 20 -1.46 15.26 -8.64
CA ARG A 20 -1.33 16.21 -9.75
C ARG A 20 -1.23 15.50 -11.09
N ASN A 21 -0.62 14.31 -11.12
CA ASN A 21 -0.55 13.50 -12.32
C ASN A 21 -1.79 12.63 -12.52
N HIS A 22 -2.78 12.74 -11.64
CA HIS A 22 -4.03 12.01 -11.78
C HIS A 22 -4.85 12.62 -12.92
N ARG A 23 -5.56 11.77 -13.66
CA ARG A 23 -6.41 12.22 -14.77
C ARG A 23 -7.80 11.64 -14.60
N PRO A 24 -8.83 12.48 -14.32
CA PRO A 24 -8.77 13.93 -14.13
C PRO A 24 -7.98 14.32 -12.88
N PRO A 25 -7.49 15.56 -12.82
CA PRO A 25 -6.73 16.00 -11.64
C PRO A 25 -7.56 15.85 -10.37
N LEU A 26 -6.95 15.25 -9.36
CA LEU A 26 -7.61 14.90 -8.11
C LEU A 26 -7.08 15.77 -6.98
N SER A 27 -7.99 16.41 -6.25
CA SER A 27 -7.64 17.22 -5.10
C SER A 27 -7.60 16.37 -3.83
N LEU A 28 -6.98 16.92 -2.80
CA LEU A 28 -6.87 16.19 -1.53
C LEU A 28 -8.23 16.01 -0.87
N SER A 29 -9.09 17.03 -0.94
CA SER A 29 -10.40 16.94 -0.31
C SER A 29 -11.31 15.93 -0.99
N ARG A 30 -11.05 15.60 -2.27
CA ARG A 30 -11.87 14.65 -3.01
C ARG A 30 -11.24 13.26 -3.06
N CYS A 31 -10.26 12.99 -2.20
CA CYS A 31 -9.61 11.68 -2.15
CA CYS A 31 -9.61 11.68 -2.14
C CYS A 31 -10.52 10.73 -1.35
N SER A 32 -11.45 10.10 -2.06
CA SER A 32 -12.38 9.19 -1.43
C SER A 32 -11.67 7.89 -1.04
N GLY A 33 -12.41 7.02 -0.35
CA GLY A 33 -11.86 5.71 -0.02
C GLY A 33 -11.47 4.93 -1.26
N ALA A 34 -12.32 4.95 -2.29
CA ALA A 34 -11.99 4.27 -3.54
C ALA A 34 -10.73 4.85 -4.16
N HIS A 35 -10.51 6.16 -4.03
CA HIS A 35 -9.34 6.78 -4.64
C HIS A 35 -8.07 6.39 -3.90
N VAL A 36 -8.13 6.30 -2.56
CA VAL A 36 -6.97 5.84 -1.80
C VAL A 36 -6.60 4.42 -2.20
N LEU A 37 -7.61 3.54 -2.32
CA LEU A 37 -7.35 2.18 -2.77
C LEU A 37 -6.81 2.16 -4.19
N GLU A 38 -7.34 3.03 -5.06
CA GLU A 38 -6.78 3.17 -6.40
C GLU A 38 -5.30 3.55 -6.34
N PHE A 39 -4.93 4.41 -5.39
CA PHE A 39 -3.54 4.78 -5.23
C PHE A 39 -2.69 3.60 -4.77
N LEU A 40 -3.22 2.78 -3.86
CA LEU A 40 -2.46 1.63 -3.39
C LEU A 40 -2.29 0.58 -4.48
N ARG A 41 -3.30 0.41 -5.34
CA ARG A 41 -3.15 -0.52 -6.46
C ARG A 41 -2.14 0.01 -7.48
N TYR A 42 -2.12 1.33 -7.68
CA TYR A 42 -1.15 1.94 -8.59
C TYR A 42 0.28 1.64 -8.16
N LEU A 43 0.52 1.47 -6.86
CA LEU A 43 1.87 1.25 -6.36
C LEU A 43 2.36 -0.18 -6.55
N ASP A 44 1.48 -1.11 -6.96
CA ASP A 44 1.90 -2.50 -7.14
C ASP A 44 2.97 -2.62 -8.23
N GLN A 45 2.99 -1.71 -9.19
CA GLN A 45 4.00 -1.75 -10.24
C GLN A 45 5.41 -1.51 -9.69
N PHE A 46 5.53 -0.93 -8.51
CA PHE A 46 6.83 -0.73 -7.88
C PHE A 46 7.13 -1.80 -6.84
N GLY A 47 6.22 -2.76 -6.64
CA GLY A 47 6.49 -3.84 -5.71
C GLY A 47 7.53 -4.81 -6.24
N LYS A 48 8.11 -5.56 -5.30
CA LYS A 48 9.10 -6.58 -5.64
C LYS A 48 8.71 -7.96 -5.13
N THR A 49 7.48 -8.12 -4.65
CA THR A 49 7.06 -9.33 -3.95
C THR A 49 6.19 -10.19 -4.85
N LYS A 50 6.60 -11.43 -5.07
CA LYS A 50 5.87 -12.36 -5.90
C LYS A 50 4.63 -12.85 -5.17
N VAL A 51 3.46 -12.67 -5.79
CA VAL A 51 2.19 -13.13 -5.22
C VAL A 51 1.59 -14.11 -6.21
N HIS A 52 1.74 -15.41 -5.92
CA HIS A 52 1.35 -16.44 -6.87
C HIS A 52 -0.17 -16.50 -7.03
N THR A 53 -0.60 -16.82 -8.25
CA THR A 53 -2.00 -17.07 -8.52
C THR A 53 -2.37 -18.49 -8.13
N ASN A 54 -3.67 -18.75 -8.03
CA ASN A 54 -4.14 -20.06 -7.60
C ASN A 54 -3.89 -21.16 -8.62
N ILE A 55 -3.46 -20.83 -9.84
CA ILE A 55 -3.15 -21.83 -10.84
C ILE A 55 -1.66 -22.13 -10.94
N CYS A 56 -0.81 -21.33 -10.30
CA CYS A 56 0.63 -21.56 -10.34
C CYS A 56 1.02 -22.65 -9.34
N HIS A 57 1.93 -23.52 -9.77
CA HIS A 57 2.36 -24.63 -8.92
C HIS A 57 3.05 -24.13 -7.65
N PHE A 58 3.67 -22.95 -7.70
CA PHE A 58 4.43 -22.42 -6.58
C PHE A 58 3.57 -21.65 -5.59
N TYR A 59 2.25 -21.71 -5.71
CA TYR A 59 1.37 -21.06 -4.75
C TYR A 59 1.65 -21.60 -3.35
N GLY A 60 1.87 -20.69 -2.41
CA GLY A 60 2.18 -21.08 -1.05
C GLY A 60 3.61 -21.46 -0.78
N HIS A 61 4.51 -21.36 -1.77
CA HIS A 61 5.92 -21.64 -1.57
C HIS A 61 6.70 -20.34 -1.51
N PRO A 62 7.29 -19.97 -0.37
CA PRO A 62 8.01 -18.68 -0.28
C PRO A 62 9.33 -18.65 -1.04
N ASN A 63 9.89 -19.80 -1.40
CA ASN A 63 11.17 -19.88 -2.10
C ASN A 63 11.06 -20.84 -3.27
N PRO A 64 10.40 -20.44 -4.35
CA PRO A 64 10.26 -21.33 -5.50
C PRO A 64 11.59 -21.52 -6.20
N PRO A 65 11.85 -22.71 -6.75
CA PRO A 65 13.14 -22.95 -7.42
C PRO A 65 13.10 -22.68 -8.91
N ALA A 66 12.13 -21.88 -9.37
CA ALA A 66 11.99 -21.61 -10.79
C ALA A 66 11.12 -20.37 -10.96
N PRO A 67 11.30 -19.62 -12.04
CA PRO A 67 10.47 -18.44 -12.27
C PRO A 67 9.07 -18.83 -12.74
N CYS A 68 8.14 -17.91 -12.54
CA CYS A 68 6.77 -18.08 -13.01
C CYS A 68 6.24 -16.72 -13.44
N PRO A 69 5.21 -16.69 -14.29
CA PRO A 69 4.68 -15.41 -14.76
C PRO A 69 3.74 -14.72 -13.77
N CYS A 70 3.79 -15.11 -12.50
CA CYS A 70 2.93 -14.49 -11.51
C CYS A 70 3.37 -13.04 -11.25
N PRO A 71 2.44 -12.16 -10.93
CA PRO A 71 2.76 -10.74 -10.84
C PRO A 71 3.53 -10.40 -9.56
N LEU A 72 4.23 -9.27 -9.63
CA LEU A 72 4.90 -8.69 -8.47
C LEU A 72 4.00 -7.61 -7.88
N ARG A 73 3.89 -7.61 -6.55
CA ARG A 73 3.01 -6.71 -5.82
C ARG A 73 3.76 -6.06 -4.66
N GLN A 74 3.14 -5.03 -4.09
CA GLN A 74 3.60 -4.49 -2.81
C GLN A 74 3.25 -5.48 -1.70
N ALA A 75 4.21 -5.75 -0.83
CA ALA A 75 3.93 -6.62 0.30
C ALA A 75 3.01 -5.92 1.29
N TRP A 76 2.33 -6.74 2.11
CA TRP A 76 1.43 -6.16 3.11
C TRP A 76 2.18 -5.25 4.07
N GLY A 77 3.38 -5.66 4.49
CA GLY A 77 4.15 -4.86 5.42
C GLY A 77 4.54 -3.51 4.85
N SER A 78 4.74 -3.44 3.53
CA SER A 78 5.03 -2.16 2.89
C SER A 78 3.79 -1.27 2.92
N LEU A 79 2.62 -1.83 2.60
CA LEU A 79 1.40 -1.03 2.60
C LEU A 79 1.02 -0.62 4.01
N ASP A 80 1.15 -1.53 4.97
CA ASP A 80 0.82 -1.21 6.36
C ASP A 80 1.67 -0.04 6.87
N ALA A 81 2.98 -0.09 6.61
CA ALA A 81 3.84 0.98 7.08
C ALA A 81 3.57 2.28 6.33
N LEU A 82 3.36 2.20 5.01
CA LEU A 82 3.08 3.40 4.23
C LEU A 82 1.84 4.12 4.73
N ILE A 83 0.79 3.35 5.06
CA ILE A 83 -0.44 3.98 5.56
C ILE A 83 -0.17 4.70 6.87
N GLY A 84 0.64 4.10 7.74
CA GLY A 84 1.02 4.78 8.98
C GLY A 84 1.75 6.09 8.72
N ARG A 85 2.67 6.09 7.76
CA ARG A 85 3.40 7.32 7.46
C ARG A 85 2.49 8.36 6.83
N LEU A 86 1.59 7.94 5.94
CA LEU A 86 0.70 8.90 5.29
C LEU A 86 -0.37 9.40 6.25
N ARG A 87 -0.81 8.56 7.20
CA ARG A 87 -1.74 9.04 8.23
C ARG A 87 -1.11 10.19 9.02
N ALA A 88 0.15 10.03 9.43
CA ALA A 88 0.82 11.08 10.18
C ALA A 88 1.11 12.29 9.30
N ALA A 89 1.60 12.05 8.09
CA ALA A 89 1.94 13.16 7.19
C ALA A 89 0.73 14.02 6.88
N PHE A 90 -0.46 13.40 6.80
CA PHE A 90 -1.68 14.19 6.57
C PHE A 90 -1.95 15.14 7.72
N GLU A 91 -1.77 14.67 8.96
CA GLU A 91 -2.07 15.51 10.12
C GLU A 91 -0.92 16.47 10.42
N GLU A 92 0.32 16.09 10.10
CA GLU A 92 1.44 16.99 10.32
C GLU A 92 1.39 18.20 9.39
N ASN A 93 0.70 18.09 8.25
CA ASN A 93 0.55 19.19 7.32
C ASN A 93 -0.79 19.91 7.49
N GLY A 94 -1.36 19.86 8.69
CA GLY A 94 -2.55 20.62 9.00
C GLY A 94 -3.86 19.91 8.78
N GLY A 95 -3.85 18.63 8.40
CA GLY A 95 -5.09 17.92 8.16
C GLY A 95 -5.80 17.56 9.45
N LYS A 96 -7.12 17.72 9.45
CA LYS A 96 -7.91 17.36 10.61
C LYS A 96 -7.88 15.84 10.81
N PRO A 97 -7.69 15.37 12.05
CA PRO A 97 -7.55 13.92 12.28
C PRO A 97 -8.77 13.11 11.89
N GLU A 98 -9.97 13.57 12.22
CA GLU A 98 -11.16 12.78 11.94
C GLU A 98 -11.58 12.85 10.48
N THR A 99 -10.89 13.64 9.66
CA THR A 99 -11.12 13.67 8.22
C THR A 99 -10.04 12.91 7.44
N ASN A 100 -9.11 12.25 8.13
CA ASN A 100 -7.96 11.59 7.53
C ASN A 100 -8.40 10.54 6.52
N PRO A 101 -8.16 10.76 5.23
CA PRO A 101 -8.59 9.77 4.22
C PRO A 101 -7.83 8.46 4.31
N PHE A 102 -6.63 8.45 4.87
CA PHE A 102 -5.88 7.22 5.05
C PHE A 102 -6.36 6.40 6.24
N GLY A 103 -7.27 6.94 7.05
CA GLY A 103 -7.89 6.22 8.13
C GLY A 103 -9.29 5.73 7.84
N ALA A 104 -9.73 5.79 6.59
CA ALA A 104 -11.07 5.35 6.24
C ALA A 104 -11.19 3.84 6.38
N ARG A 105 -12.43 3.38 6.58
CA ARG A 105 -12.68 1.95 6.76
C ARG A 105 -12.25 1.13 5.55
N ALA A 106 -12.40 1.69 4.34
CA ALA A 106 -11.98 0.98 3.15
C ALA A 106 -10.49 0.67 3.16
N VAL A 107 -9.69 1.52 3.79
CA VAL A 107 -8.26 1.25 3.88
C VAL A 107 -7.99 0.06 4.79
N ARG A 108 -8.67 0.00 5.94
CA ARG A 108 -8.49 -1.12 6.87
C ARG A 108 -8.92 -2.44 6.24
N LEU A 109 -10.05 -2.43 5.53
CA LEU A 109 -10.55 -3.66 4.92
C LEU A 109 -9.62 -4.13 3.82
N TYR A 110 -9.08 -3.20 3.03
CA TYR A 110 -8.15 -3.57 1.97
C TYR A 110 -6.89 -4.20 2.54
N LEU A 111 -6.32 -3.61 3.59
CA LEU A 111 -5.09 -4.15 4.17
C LEU A 111 -5.31 -5.56 4.70
N ARG A 112 -6.47 -5.82 5.31
CA ARG A 112 -6.77 -7.16 5.80
C ARG A 112 -6.87 -8.15 4.65
N GLU A 113 -7.51 -7.75 3.55
CA GLU A 113 -7.62 -8.65 2.40
C GLU A 113 -6.24 -8.95 1.82
N VAL A 114 -5.38 -7.94 1.70
CA VAL A 114 -4.03 -8.17 1.19
C VAL A 114 -3.26 -9.08 2.15
N ARG A 115 -3.40 -8.86 3.45
CA ARG A 115 -2.70 -9.68 4.43
C ARG A 115 -3.10 -11.15 4.32
N ASP A 116 -4.42 -11.42 4.24
CA ASP A 116 -4.88 -12.80 4.24
C ASP A 116 -4.61 -13.50 2.91
N MET A 117 -4.74 -12.78 1.80
CA MET A 117 -4.50 -13.39 0.50
C MET A 117 -3.02 -13.64 0.28
N GLN A 118 -2.17 -12.68 0.63
CA GLN A 118 -0.73 -12.85 0.40
C GLN A 118 -0.15 -13.93 1.29
N SER A 119 -0.65 -14.04 2.52
CA SER A 119 -0.14 -15.07 3.44
C SER A 119 -0.41 -16.46 2.87
N LYS A 120 -1.55 -16.66 2.22
CA LYS A 120 -1.81 -17.93 1.57
C LYS A 120 -1.00 -18.09 0.28
N ALA A 121 -0.92 -17.03 -0.53
CA ALA A 121 -0.25 -17.14 -1.83
C ALA A 121 1.26 -17.23 -1.67
N ARG A 122 1.84 -16.45 -0.75
CA ARG A 122 3.27 -16.50 -0.51
C ARG A 122 3.68 -17.65 0.40
N GLY A 123 2.77 -18.14 1.24
CA GLY A 123 3.15 -19.13 2.24
C GLY A 123 3.94 -18.55 3.38
N VAL A 124 3.70 -17.28 3.73
CA VAL A 124 4.38 -16.61 4.82
C VAL A 124 3.35 -16.18 5.85
N SER A 125 3.83 -15.84 7.03
CA SER A 125 3.00 -15.35 8.11
C SER A 125 3.40 -13.92 8.45
N TYR A 126 2.41 -13.03 8.48
CA TYR A 126 2.66 -11.62 8.79
C TYR A 126 2.48 -11.30 10.26
N GLU A 127 2.28 -12.31 11.11
CA GLU A 127 2.13 -12.05 12.54
C GLU A 127 3.48 -11.72 13.17
N LYS A 128 3.44 -10.94 14.25
CA LYS A 128 4.65 -10.56 14.95
C LYS A 128 5.17 -11.73 15.77
N LYS A 129 6.45 -12.05 15.58
CA LYS A 129 7.08 -13.14 16.31
C LYS A 129 7.55 -12.67 17.69
ZN ZN D . 3.72 -18.31 -9.53
S SO4 E . -14.31 -3.13 10.89
O1 SO4 E . -12.87 -3.39 10.96
O2 SO4 E . -14.87 -3.86 9.75
O3 SO4 E . -14.94 -3.58 12.12
O4 SO4 E . -14.53 -1.70 10.70
S SO4 F . 14.20 15.33 -1.02
O1 SO4 F . 13.90 14.47 -2.16
O2 SO4 F . 13.74 14.70 0.21
O3 SO4 F . 13.51 16.62 -1.19
O4 SO4 F . 15.64 15.57 -0.95
#